data_1GFW
#
_entry.id   1GFW
#
_cell.length_a   67.200
_cell.length_b   83.300
_cell.length_c   96.000
_cell.angle_alpha   90.00
_cell.angle_beta   90.00
_cell.angle_gamma   90.00
#
_symmetry.space_group_name_H-M   'I 2 2 2'
#
loop_
_entity.id
_entity.type
_entity.pdbx_description
1 polymer 'CASPASE-3 (APOPAIN, P20)'
2 polymer 'CASPASE-3 (APOPAIN, P10)'
3 non-polymer 1-METHYL-5-(2-PHENOXYMETHYL-PYRROLIDINE-1-SULFONYL)-1H-INDOLE-2,3-DIONE
4 water water
#
loop_
_entity_poly.entity_id
_entity_poly.type
_entity_poly.pdbx_seq_one_letter_code
_entity_poly.pdbx_strand_id
1 'polypeptide(L)'
;SGISLDNSYKMDYPEMGLCIIINNKNFHKSTGMTSRSGTDVDAANLRETFRNLKYEVRNKNDLTREEIVELMRDVSKEDH
SKRSSFVCVLLSHGEEGIIFGTNGPVDLKKITNFFRGDRCRSLTGKPKLFIIQACRGTELDCGIETD
;
A
2 'polypeptide(L)'
;DMACHKIPVDADFLYAYSTAPGYYSWRNSKDGSWFIQSLCAMLKQYADKLEFMHILTRVNRKVATEFESFSFDATFHAKK
QIPCIVSMLTKELYFYH
;
B
#
# COMPACT_ATOMS: atom_id res chain seq x y z
N SER A 1 -11.38 12.56 -35.25
CA SER A 1 -10.13 12.51 -34.43
C SER A 1 -9.08 11.62 -35.10
N GLY A 2 -8.04 11.27 -34.35
CA GLY A 2 -7.01 10.41 -34.89
C GLY A 2 -7.05 9.05 -34.23
N ILE A 3 -6.08 8.19 -34.53
CA ILE A 3 -6.03 6.87 -33.94
C ILE A 3 -6.10 6.99 -32.41
N SER A 4 -6.92 6.15 -31.77
CA SER A 4 -7.05 6.21 -30.31
C SER A 4 -6.56 4.98 -29.57
N LEU A 5 -5.34 5.06 -29.05
CA LEU A 5 -4.74 3.98 -28.24
C LEU A 5 -5.37 4.18 -26.84
N ASP A 6 -5.03 3.34 -25.89
CA ASP A 6 -5.57 3.54 -24.56
C ASP A 6 -4.89 2.54 -23.69
N ASN A 7 -3.59 2.73 -23.60
CA ASN A 7 -2.72 1.86 -22.83
C ASN A 7 -2.44 2.43 -21.43
N SER A 8 -3.17 3.46 -21.04
CA SER A 8 -2.99 4.06 -19.73
C SER A 8 -4.33 4.56 -19.23
N TYR A 9 -4.53 4.45 -17.91
CA TYR A 9 -5.75 4.86 -17.23
C TYR A 9 -6.06 6.33 -17.30
N LYS A 10 -7.32 6.66 -17.52
CA LYS A 10 -7.72 8.04 -17.56
C LYS A 10 -7.54 8.61 -16.16
N MET A 11 -6.51 9.44 -16.02
CA MET A 11 -6.17 10.06 -14.75
C MET A 11 -6.47 11.52 -14.73
N ASP A 12 -7.38 11.97 -15.61
CA ASP A 12 -7.78 13.38 -15.68
C ASP A 12 -9.18 13.66 -15.13
N TYR A 13 -9.69 12.77 -14.29
CA TYR A 13 -11.00 13.05 -13.71
C TYR A 13 -10.88 14.24 -12.76
N PRO A 14 -11.99 14.98 -12.56
CA PRO A 14 -11.97 16.14 -11.67
C PRO A 14 -11.17 15.95 -10.41
N GLU A 15 -11.08 14.72 -9.91
CA GLU A 15 -10.33 14.44 -8.70
C GLU A 15 -9.40 13.24 -8.88
N MET A 16 -8.22 13.27 -8.27
CA MET A 16 -7.27 12.18 -8.39
C MET A 16 -7.64 10.93 -7.62
N GLY A 17 -8.57 11.06 -6.67
CA GLY A 17 -9.01 9.93 -5.86
C GLY A 17 -8.70 10.11 -4.38
N LEU A 18 -9.54 9.56 -3.51
CA LEU A 18 -9.26 9.69 -2.09
C LEU A 18 -8.29 8.59 -1.65
N CYS A 19 -7.30 8.93 -0.84
CA CYS A 19 -6.29 7.97 -0.36
C CYS A 19 -6.41 7.61 1.14
N ILE A 20 -6.78 6.38 1.44
CA ILE A 20 -6.93 6.01 2.84
C ILE A 20 -5.68 5.40 3.46
N ILE A 21 -5.24 5.98 4.57
CA ILE A 21 -4.07 5.49 5.27
C ILE A 21 -4.45 5.06 6.70
N ILE A 22 -4.27 3.77 6.98
CA ILE A 22 -4.57 3.21 8.30
C ILE A 22 -3.26 3.01 9.04
N ASN A 23 -3.04 3.82 10.08
CA ASN A 23 -1.81 3.81 10.87
C ASN A 23 -1.90 3.11 12.24
N ASN A 24 -1.93 1.79 12.26
CA ASN A 24 -1.98 1.09 13.52
C ASN A 24 -0.63 1.06 14.20
N LYS A 25 -0.56 1.69 15.37
CA LYS A 25 0.66 1.75 16.17
C LYS A 25 0.55 0.96 17.49
N ASN A 26 -0.61 1.05 18.14
CA ASN A 26 -0.87 0.41 19.43
C ASN A 26 -1.90 -0.73 19.40
N PHE A 27 -1.55 -1.87 19.98
CA PHE A 27 -2.42 -3.04 20.03
C PHE A 27 -2.91 -3.42 21.43
N HIS A 28 -4.12 -3.95 21.50
CA HIS A 28 -4.73 -4.34 22.76
C HIS A 28 -3.92 -5.37 23.52
N LYS A 29 -3.58 -5.05 24.78
CA LYS A 29 -2.79 -5.93 25.62
C LYS A 29 -3.01 -7.38 25.23
N SER A 30 -4.25 -7.74 24.94
CA SER A 30 -4.63 -9.11 24.61
C SER A 30 -4.01 -9.77 23.37
N THR A 31 -3.96 -9.03 22.28
CA THR A 31 -3.40 -9.52 21.02
C THR A 31 -1.99 -10.12 21.22
N GLY A 32 -1.31 -9.66 22.27
CA GLY A 32 0.03 -10.15 22.57
C GLY A 32 0.99 -9.64 21.54
N MET A 33 0.77 -8.41 21.10
CA MET A 33 1.61 -7.79 20.11
C MET A 33 2.10 -6.46 20.63
N THR A 34 3.30 -6.08 20.21
CA THR A 34 3.87 -4.83 20.66
C THR A 34 3.57 -3.72 19.69
N SER A 35 3.73 -2.50 20.18
CA SER A 35 3.50 -1.36 19.37
C SER A 35 4.63 -1.22 18.35
N ARG A 36 4.26 -0.69 17.20
CA ARG A 36 5.16 -0.49 16.12
C ARG A 36 5.65 0.92 16.30
N SER A 37 6.95 1.11 16.20
CA SER A 37 7.49 2.44 16.34
C SER A 37 8.05 2.83 15.00
N GLY A 38 7.97 4.10 14.69
CA GLY A 38 8.49 4.58 13.42
C GLY A 38 7.33 4.78 12.49
N THR A 39 6.26 4.02 12.73
CA THR A 39 5.08 4.09 11.87
C THR A 39 4.48 5.46 11.70
N ASP A 40 4.63 6.32 12.71
CA ASP A 40 4.07 7.67 12.63
C ASP A 40 4.82 8.52 11.65
N VAL A 41 6.08 8.19 11.43
CA VAL A 41 6.89 8.89 10.45
C VAL A 41 6.39 8.40 9.07
N ASP A 42 6.22 7.09 8.96
CA ASP A 42 5.70 6.48 7.74
C ASP A 42 4.40 7.13 7.34
N ALA A 43 3.49 7.20 8.30
CA ALA A 43 2.18 7.77 8.07
C ALA A 43 2.23 9.24 7.68
N ALA A 44 3.12 10.01 8.28
CA ALA A 44 3.22 11.44 7.98
C ALA A 44 3.71 11.62 6.56
N ASN A 45 4.69 10.77 6.25
CA ASN A 45 5.39 10.70 4.96
C ASN A 45 4.48 10.50 3.76
N LEU A 46 3.60 9.51 3.86
CA LEU A 46 2.67 9.17 2.81
C LEU A 46 1.69 10.33 2.57
N ARG A 47 1.26 10.94 3.66
CA ARG A 47 0.32 12.05 3.61
C ARG A 47 0.97 13.19 2.80
N GLU A 48 2.19 13.53 3.14
CA GLU A 48 2.90 14.58 2.41
C GLU A 48 3.07 14.21 0.94
N THR A 49 3.40 12.95 0.71
CA THR A 49 3.64 12.46 -0.63
C THR A 49 2.41 12.40 -1.50
N PHE A 50 1.32 11.90 -0.92
CA PHE A 50 0.09 11.77 -1.67
C PHE A 50 -0.58 13.11 -1.77
N ARG A 51 -0.30 13.99 -0.81
CA ARG A 51 -0.88 15.32 -0.89
C ARG A 51 -0.29 15.99 -2.15
N ASN A 52 1.00 15.76 -2.41
CA ASN A 52 1.65 16.35 -3.58
C ASN A 52 1.09 15.69 -4.83
N LEU A 53 0.52 14.50 -4.68
CA LEU A 53 -0.01 13.81 -5.83
C LEU A 53 -1.49 14.11 -6.04
N LYS A 54 -1.94 15.22 -5.46
CA LYS A 54 -3.30 15.65 -5.61
C LYS A 54 -4.34 14.67 -5.09
N TYR A 55 -3.91 13.81 -4.17
CA TYR A 55 -4.78 12.82 -3.56
C TYR A 55 -5.43 13.36 -2.30
N GLU A 56 -6.69 13.03 -2.11
CA GLU A 56 -7.42 13.48 -0.95
C GLU A 56 -7.14 12.50 0.21
N VAL A 57 -6.07 12.75 0.95
CA VAL A 57 -5.64 11.90 2.06
C VAL A 57 -6.46 11.94 3.35
N ARG A 58 -6.76 10.75 3.89
CA ARG A 58 -7.53 10.62 5.12
C ARG A 58 -6.80 9.66 6.03
N ASN A 59 -6.01 10.19 6.96
CA ASN A 59 -5.28 9.35 7.92
C ASN A 59 -6.26 8.79 8.96
N LYS A 60 -6.14 7.50 9.24
CA LYS A 60 -7.01 6.89 10.22
C LYS A 60 -6.13 6.10 11.17
N ASN A 61 -5.94 6.62 12.38
CA ASN A 61 -5.09 5.97 13.39
C ASN A 61 -5.70 4.89 14.27
N ASP A 62 -4.86 3.92 14.65
CA ASP A 62 -5.21 2.80 15.51
C ASP A 62 -6.63 2.28 15.42
N LEU A 63 -6.94 1.65 14.29
CA LEU A 63 -8.27 1.14 14.02
C LEU A 63 -8.42 -0.32 14.42
N THR A 64 -9.59 -0.68 14.95
CA THR A 64 -9.82 -2.08 15.33
C THR A 64 -10.22 -2.88 14.10
N ARG A 65 -10.01 -4.18 14.17
CA ARG A 65 -10.34 -5.00 13.05
C ARG A 65 -11.77 -4.65 12.59
N GLU A 66 -12.61 -4.19 13.51
CA GLU A 66 -13.98 -3.84 13.17
C GLU A 66 -14.14 -2.49 12.46
N GLU A 67 -13.37 -1.50 12.88
CA GLU A 67 -13.43 -0.17 12.31
C GLU A 67 -12.81 -0.14 10.93
N ILE A 68 -11.82 -0.99 10.71
CA ILE A 68 -11.16 -1.11 9.41
C ILE A 68 -12.22 -1.54 8.42
N VAL A 69 -12.90 -2.63 8.76
CA VAL A 69 -13.97 -3.17 7.95
C VAL A 69 -15.13 -2.18 7.68
N GLU A 70 -15.55 -1.45 8.70
CA GLU A 70 -16.64 -0.51 8.52
C GLU A 70 -16.17 0.63 7.61
N LEU A 71 -14.97 1.12 7.89
CA LEU A 71 -14.32 2.19 7.16
C LEU A 71 -14.35 1.89 5.68
N MET A 72 -13.88 0.69 5.38
CA MET A 72 -13.80 0.18 4.03
C MET A 72 -15.19 0.02 3.45
N ARG A 73 -16.04 -0.74 4.11
CA ARG A 73 -17.40 -0.91 3.62
C ARG A 73 -17.99 0.48 3.32
N ASP A 74 -17.85 1.41 4.26
CA ASP A 74 -18.35 2.77 4.09
C ASP A 74 -17.70 3.56 2.96
N VAL A 75 -16.36 3.51 2.87
CA VAL A 75 -15.66 4.24 1.81
C VAL A 75 -16.01 3.66 0.46
N SER A 76 -16.14 2.34 0.40
CA SER A 76 -16.47 1.69 -0.86
C SER A 76 -17.85 2.10 -1.30
N LYS A 77 -18.72 2.41 -0.34
CA LYS A 77 -20.09 2.79 -0.65
C LYS A 77 -20.19 4.21 -1.22
N GLU A 78 -19.13 4.98 -1.03
CA GLU A 78 -19.07 6.34 -1.55
C GLU A 78 -19.18 6.33 -3.09
N ASP A 79 -19.53 7.49 -3.64
CA ASP A 79 -19.64 7.65 -5.09
C ASP A 79 -18.28 8.13 -5.65
N HIS A 80 -17.48 7.22 -6.21
CA HIS A 80 -16.19 7.65 -6.72
C HIS A 80 -16.25 8.08 -8.17
N SER A 81 -17.43 8.49 -8.63
CA SER A 81 -17.62 8.89 -10.03
C SER A 81 -16.69 9.94 -10.57
N LYS A 82 -16.48 11.02 -9.85
CA LYS A 82 -15.59 12.05 -10.36
C LYS A 82 -14.10 11.82 -10.00
N ARG A 83 -13.74 10.58 -9.66
CA ARG A 83 -12.38 10.23 -9.27
C ARG A 83 -11.67 9.24 -10.21
N SER A 84 -10.39 9.50 -10.43
CA SER A 84 -9.55 8.68 -11.31
C SER A 84 -9.12 7.39 -10.62
N SER A 85 -8.94 7.42 -9.31
CA SER A 85 -8.48 6.21 -8.64
C SER A 85 -8.83 6.09 -7.18
N PHE A 86 -8.12 5.19 -6.50
CA PHE A 86 -8.29 4.91 -5.09
C PHE A 86 -7.03 4.25 -4.54
N VAL A 87 -6.40 4.89 -3.55
CA VAL A 87 -5.22 4.35 -2.93
C VAL A 87 -5.61 3.95 -1.51
N CYS A 88 -4.93 2.97 -0.95
CA CYS A 88 -5.24 2.56 0.42
C CYS A 88 -3.99 2.00 1.04
N VAL A 89 -3.52 2.66 2.08
CA VAL A 89 -2.32 2.25 2.73
C VAL A 89 -2.63 1.70 4.10
N LEU A 90 -2.22 0.45 4.28
CA LEU A 90 -2.41 -0.29 5.51
C LEU A 90 -1.03 -0.45 6.18
N LEU A 91 -0.82 0.27 7.29
CA LEU A 91 0.44 0.22 8.04
C LEU A 91 0.20 -0.59 9.30
N SER A 92 0.77 -1.77 9.39
CA SER A 92 0.51 -2.56 10.58
C SER A 92 1.32 -3.82 10.65
N HIS A 93 0.90 -4.68 11.58
CA HIS A 93 1.50 -6.00 11.78
C HIS A 93 0.77 -6.85 10.76
N GLY A 94 1.32 -7.99 10.38
CA GLY A 94 0.61 -8.81 9.43
C GLY A 94 1.09 -10.24 9.36
N GLU A 95 0.54 -10.93 8.36
CA GLU A 95 0.83 -12.30 8.03
C GLU A 95 0.22 -12.46 6.65
N GLU A 96 0.72 -13.44 5.91
CA GLU A 96 0.23 -13.66 4.57
C GLU A 96 -1.27 -13.63 4.49
N GLY A 97 -1.81 -12.61 3.81
CA GLY A 97 -3.23 -12.49 3.65
C GLY A 97 -3.97 -11.63 4.65
N ILE A 98 -3.39 -11.43 5.82
CA ILE A 98 -4.06 -10.65 6.85
C ILE A 98 -3.24 -9.52 7.43
N ILE A 99 -3.95 -8.47 7.81
CA ILE A 99 -3.33 -7.35 8.48
C ILE A 99 -4.19 -7.18 9.71
N PHE A 100 -3.50 -6.86 10.81
CA PHE A 100 -4.12 -6.71 12.11
C PHE A 100 -4.77 -5.36 12.43
N GLY A 101 -6.01 -5.46 12.91
CA GLY A 101 -6.73 -4.29 13.36
C GLY A 101 -6.07 -4.15 14.72
N THR A 102 -6.45 -3.16 15.52
CA THR A 102 -5.78 -3.00 16.81
C THR A 102 -6.14 -4.08 17.83
N ASN A 103 -7.18 -4.86 17.51
CA ASN A 103 -7.60 -5.93 18.39
C ASN A 103 -7.49 -7.29 17.73
N GLY A 104 -7.57 -7.34 16.41
CA GLY A 104 -7.50 -8.64 15.76
C GLY A 104 -7.06 -8.58 14.33
N PRO A 105 -7.11 -9.71 13.62
CA PRO A 105 -6.69 -9.72 12.22
C PRO A 105 -7.81 -9.46 11.23
N VAL A 106 -7.44 -8.88 10.10
CA VAL A 106 -8.38 -8.62 9.05
C VAL A 106 -7.77 -9.26 7.82
N ASP A 107 -8.60 -9.94 7.04
CA ASP A 107 -8.19 -10.59 5.81
C ASP A 107 -8.09 -9.56 4.69
N LEU A 108 -6.95 -9.53 4.00
CA LEU A 108 -6.75 -8.60 2.90
C LEU A 108 -7.88 -8.72 1.88
N LYS A 109 -8.38 -9.94 1.69
CA LYS A 109 -9.45 -10.16 0.73
C LYS A 109 -10.75 -9.60 1.24
N LYS A 110 -10.97 -9.70 2.56
CA LYS A 110 -12.21 -9.20 3.16
C LYS A 110 -12.39 -7.72 2.95
N ILE A 111 -11.31 -6.98 2.92
CA ILE A 111 -11.51 -5.58 2.74
C ILE A 111 -11.38 -5.11 1.30
N THR A 112 -10.43 -5.65 0.54
CA THR A 112 -10.26 -5.27 -0.86
C THR A 112 -11.41 -5.79 -1.68
N ASN A 113 -12.33 -6.50 -1.04
CA ASN A 113 -13.45 -7.06 -1.77
C ASN A 113 -14.61 -6.12 -1.89
N PHE A 114 -14.59 -5.06 -1.08
CA PHE A 114 -15.66 -4.07 -1.09
C PHE A 114 -15.49 -3.25 -2.35
N PHE A 115 -14.30 -3.34 -2.94
CA PHE A 115 -13.98 -2.56 -4.10
C PHE A 115 -13.95 -3.34 -5.40
N ARG A 116 -14.40 -4.59 -5.39
CA ARG A 116 -14.41 -5.39 -6.60
C ARG A 116 -15.28 -4.76 -7.66
N GLY A 117 -14.86 -4.91 -8.93
CA GLY A 117 -15.54 -4.32 -10.05
C GLY A 117 -17.07 -4.35 -10.03
N ASP A 118 -17.64 -5.27 -9.26
CA ASP A 118 -19.09 -5.41 -9.17
C ASP A 118 -19.66 -4.94 -7.83
N ARG A 119 -18.80 -4.55 -6.90
CA ARG A 119 -19.26 -4.11 -5.60
C ARG A 119 -18.93 -2.65 -5.38
N CYS A 120 -18.11 -2.07 -6.24
CA CYS A 120 -17.80 -0.65 -6.14
C CYS A 120 -17.97 -0.11 -7.54
N ARG A 121 -19.22 -0.07 -7.98
CA ARG A 121 -19.57 0.42 -9.31
C ARG A 121 -18.80 1.67 -9.79
N SER A 122 -18.73 2.71 -8.96
CA SER A 122 -18.05 3.93 -9.38
C SER A 122 -16.54 3.82 -9.38
N LEU A 123 -16.00 2.61 -9.29
CA LEU A 123 -14.57 2.45 -9.34
C LEU A 123 -14.21 1.40 -10.34
N THR A 124 -15.22 0.80 -10.95
CA THR A 124 -14.97 -0.22 -11.96
C THR A 124 -14.25 0.44 -13.15
N GLY A 125 -13.16 -0.17 -13.59
CA GLY A 125 -12.42 0.37 -14.72
C GLY A 125 -11.38 1.33 -14.25
N LYS A 126 -11.43 1.61 -12.96
CA LYS A 126 -10.49 2.52 -12.34
C LYS A 126 -9.50 1.73 -11.49
N PRO A 127 -8.27 2.23 -11.37
CA PRO A 127 -7.23 1.56 -10.58
C PRO A 127 -7.31 1.72 -9.06
N LYS A 128 -7.53 0.58 -8.39
CA LYS A 128 -7.61 0.46 -6.95
C LYS A 128 -6.22 0.05 -6.45
N LEU A 129 -5.56 0.93 -5.72
CA LEU A 129 -4.21 0.62 -5.26
C LEU A 129 -4.08 0.40 -3.76
N PHE A 130 -3.58 -0.77 -3.37
CA PHE A 130 -3.36 -1.14 -1.98
C PHE A 130 -1.86 -1.32 -1.68
N ILE A 131 -1.36 -0.47 -0.80
CA ILE A 131 0.04 -0.50 -0.40
C ILE A 131 0.04 -1.12 0.98
N ILE A 132 0.90 -2.10 1.17
CA ILE A 132 0.89 -2.84 2.40
C ILE A 132 2.21 -2.94 3.15
N GLN A 133 2.30 -2.26 4.30
CA GLN A 133 3.49 -2.32 5.12
C GLN A 133 3.13 -3.16 6.36
N ALA A 134 3.47 -4.46 6.29
CA ALA A 134 3.20 -5.43 7.35
C ALA A 134 3.90 -6.77 7.04
N CYS A 135 4.03 -7.67 8.01
CA CYS A 135 4.70 -8.95 7.75
C CYS A 135 3.78 -9.87 6.97
N ARG A 136 4.36 -10.73 6.14
CA ARG A 136 3.58 -11.66 5.36
C ARG A 136 3.98 -13.04 5.83
N GLY A 137 4.51 -13.05 7.04
CA GLY A 137 4.98 -14.26 7.64
C GLY A 137 6.16 -13.90 8.52
N THR A 138 7.01 -14.88 8.79
CA THR A 138 8.15 -14.63 9.64
C THR A 138 9.49 -15.12 9.10
N GLU A 139 9.65 -15.07 7.77
CA GLU A 139 10.91 -15.49 7.17
C GLU A 139 11.87 -14.33 7.17
N LEU A 140 13.17 -14.63 7.13
CA LEU A 140 14.21 -13.61 7.12
C LEU A 140 15.13 -13.79 5.92
N ASP A 141 15.31 -12.72 5.15
CA ASP A 141 16.17 -12.73 3.96
C ASP A 141 17.60 -12.41 4.37
N CYS A 142 18.40 -13.46 4.59
CA CYS A 142 19.80 -13.31 5.00
C CYS A 142 20.59 -12.71 3.85
N GLY A 143 19.92 -12.55 2.71
CA GLY A 143 20.57 -11.97 1.55
C GLY A 143 21.79 -12.68 1.04
N ILE A 144 22.33 -12.14 -0.05
CA ILE A 144 23.54 -12.67 -0.66
C ILE A 144 24.49 -11.53 -0.98
N GLU A 145 25.65 -11.57 -0.34
CA GLU A 145 26.67 -10.55 -0.57
C GLU A 145 27.58 -11.08 -1.66
N HIS B 5 -17.55 -7.21 -23.06
CA HIS B 5 -18.64 -6.66 -22.19
C HIS B 5 -18.34 -6.85 -20.71
N LYS B 6 -17.81 -8.01 -20.37
CA LYS B 6 -17.46 -8.29 -18.99
C LYS B 6 -15.97 -8.20 -18.76
N ILE B 7 -15.60 -7.95 -17.49
CA ILE B 7 -14.20 -7.90 -17.06
C ILE B 7 -14.06 -8.56 -15.67
N PRO B 8 -12.89 -9.15 -15.38
CA PRO B 8 -12.74 -9.78 -14.07
C PRO B 8 -13.09 -8.74 -12.97
N VAL B 9 -13.62 -9.21 -11.85
CA VAL B 9 -13.96 -8.30 -10.78
C VAL B 9 -12.72 -8.04 -9.94
N ASP B 10 -11.71 -8.89 -10.11
CA ASP B 10 -10.44 -8.73 -9.39
C ASP B 10 -9.49 -7.91 -10.29
N ALA B 11 -10.01 -7.48 -11.44
CA ALA B 11 -9.26 -6.67 -12.39
C ALA B 11 -9.10 -5.21 -11.92
N ASP B 12 -7.97 -4.60 -12.28
CA ASP B 12 -7.61 -3.22 -11.94
C ASP B 12 -7.33 -3.00 -10.47
N PHE B 13 -6.58 -3.90 -9.86
CA PHE B 13 -6.21 -3.81 -8.46
C PHE B 13 -4.71 -3.89 -8.44
N LEU B 14 -4.06 -3.15 -7.55
CA LEU B 14 -2.63 -3.26 -7.49
C LEU B 14 -2.21 -3.46 -6.07
N TYR B 15 -1.37 -4.46 -5.85
CA TYR B 15 -0.88 -4.75 -4.52
C TYR B 15 0.61 -4.50 -4.40
N ALA B 16 0.98 -3.47 -3.67
CA ALA B 16 2.38 -3.17 -3.44
C ALA B 16 2.76 -3.71 -2.06
N TYR B 17 3.38 -4.89 -2.04
CA TYR B 17 3.77 -5.52 -0.80
C TYR B 17 5.17 -5.09 -0.49
N SER B 18 5.44 -4.81 0.77
CA SER B 18 6.74 -4.37 1.21
C SER B 18 7.74 -5.49 1.17
N THR B 19 7.24 -6.73 1.22
CA THR B 19 8.09 -7.92 1.20
C THR B 19 7.53 -9.02 0.34
N ALA B 20 8.43 -9.97 0.08
CA ALA B 20 8.15 -11.18 -0.66
C ALA B 20 7.23 -11.92 0.28
N PRO B 21 6.38 -12.82 -0.24
CA PRO B 21 5.50 -13.52 0.69
C PRO B 21 6.18 -14.46 1.70
N GLY B 22 5.73 -14.38 2.94
CA GLY B 22 6.26 -15.22 3.99
C GLY B 22 7.35 -14.60 4.82
N TYR B 23 8.02 -13.58 4.29
CA TYR B 23 9.11 -12.90 5.00
C TYR B 23 8.68 -11.80 5.97
N TYR B 24 9.67 -11.29 6.70
CA TYR B 24 9.47 -10.18 7.64
C TYR B 24 9.47 -8.88 6.86
N SER B 25 8.90 -7.83 7.42
CA SER B 25 8.88 -6.53 6.76
C SER B 25 9.51 -5.54 7.72
N TRP B 26 10.75 -5.15 7.43
CA TRP B 26 11.53 -4.23 8.24
C TRP B 26 11.01 -2.83 8.40
N ARG B 27 11.25 -2.29 9.59
CA ARG B 27 10.81 -0.97 10.00
C ARG B 27 11.89 -0.45 10.92
N ASN B 28 12.25 0.81 10.78
CA ASN B 28 13.29 1.34 11.66
C ASN B 28 12.62 2.29 12.62
N SER B 29 12.74 2.00 13.92
CA SER B 29 12.11 2.81 14.98
C SER B 29 12.15 4.33 14.81
N LYS B 30 13.18 4.83 14.12
CA LYS B 30 13.35 6.26 13.91
C LYS B 30 12.88 6.77 12.54
N ASP B 31 13.52 6.30 11.47
CA ASP B 31 13.26 6.70 10.08
C ASP B 31 12.00 6.17 9.40
N GLY B 32 11.36 5.18 9.99
CA GLY B 32 10.17 4.61 9.38
C GLY B 32 10.51 3.26 8.75
N SER B 33 9.56 2.72 8.00
CA SER B 33 9.78 1.42 7.37
C SER B 33 10.62 1.59 6.11
N TRP B 34 11.38 0.57 5.76
CA TRP B 34 12.19 0.61 4.56
C TRP B 34 11.30 0.90 3.37
N PHE B 35 10.24 0.10 3.22
CA PHE B 35 9.30 0.26 2.12
C PHE B 35 8.71 1.65 1.90
N ILE B 36 7.96 2.16 2.88
CA ILE B 36 7.32 3.46 2.79
C ILE B 36 8.32 4.63 2.72
N GLN B 37 9.51 4.38 3.23
CA GLN B 37 10.53 5.39 3.19
C GLN B 37 10.88 5.46 1.72
N SER B 38 11.28 4.31 1.17
CA SER B 38 11.65 4.19 -0.24
C SER B 38 10.52 4.46 -1.23
N LEU B 39 9.27 4.19 -0.83
CA LEU B 39 8.14 4.45 -1.71
C LEU B 39 7.90 5.95 -1.89
N CYS B 40 7.99 6.69 -0.80
CA CYS B 40 7.79 8.12 -0.83
C CYS B 40 8.96 8.82 -1.56
N ALA B 41 10.16 8.29 -1.39
CA ALA B 41 11.33 8.85 -2.06
C ALA B 41 11.11 8.79 -3.57
N MET B 42 10.87 7.58 -4.06
CA MET B 42 10.63 7.37 -5.47
C MET B 42 9.42 8.10 -6.03
N LEU B 43 8.32 8.13 -5.30
CA LEU B 43 7.13 8.82 -5.79
C LEU B 43 7.44 10.29 -6.08
N LYS B 44 7.98 11.01 -5.10
CA LYS B 44 8.28 12.42 -5.31
C LYS B 44 9.32 12.68 -6.39
N GLN B 45 10.25 11.76 -6.56
CA GLN B 45 11.29 11.93 -7.55
C GLN B 45 10.89 11.53 -8.97
N TYR B 46 9.79 10.79 -9.12
CA TYR B 46 9.38 10.34 -10.45
C TYR B 46 7.91 10.27 -10.72
N ALA B 47 7.07 10.48 -9.72
CA ALA B 47 5.64 10.41 -10.01
C ALA B 47 5.28 11.19 -11.27
N ASP B 48 6.10 12.16 -11.64
CA ASP B 48 5.83 12.98 -12.83
C ASP B 48 6.79 12.65 -13.97
N LYS B 49 7.35 11.45 -13.95
CA LYS B 49 8.30 11.03 -14.96
C LYS B 49 8.04 9.59 -15.44
N LEU B 50 7.95 8.67 -14.49
CA LEU B 50 7.74 7.24 -14.75
C LEU B 50 6.30 6.74 -14.56
N GLU B 51 6.01 5.60 -15.20
CA GLU B 51 4.72 4.93 -15.11
C GLU B 51 4.81 4.24 -13.75
N PHE B 52 3.69 4.08 -13.07
CA PHE B 52 3.73 3.48 -11.74
C PHE B 52 4.59 2.26 -11.53
N MET B 53 4.44 1.22 -12.36
CA MET B 53 5.25 0.01 -12.18
C MET B 53 6.76 0.31 -12.34
N HIS B 54 7.13 1.28 -13.16
CA HIS B 54 8.54 1.57 -13.27
C HIS B 54 9.02 2.26 -11.99
N ILE B 55 8.14 3.05 -11.38
CA ILE B 55 8.46 3.70 -10.13
C ILE B 55 8.70 2.62 -9.05
N LEU B 56 7.68 1.79 -8.82
CA LEU B 56 7.76 0.72 -7.84
C LEU B 56 8.97 -0.20 -8.03
N THR B 57 9.51 -0.27 -9.25
CA THR B 57 10.67 -1.10 -9.53
C THR B 57 11.95 -0.42 -9.05
N ARG B 58 11.93 0.90 -9.01
CA ARG B 58 13.05 1.68 -8.49
C ARG B 58 12.91 1.50 -7.00
N VAL B 59 11.65 1.49 -6.53
CA VAL B 59 11.38 1.30 -5.11
C VAL B 59 11.90 -0.06 -4.65
N ASN B 60 11.88 -1.05 -5.52
CA ASN B 60 12.35 -2.36 -5.16
C ASN B 60 13.88 -2.39 -4.98
N ARG B 61 14.62 -1.71 -5.86
CA ARG B 61 16.07 -1.71 -5.78
C ARG B 61 16.59 -0.84 -4.64
N LYS B 62 15.81 0.18 -4.26
CA LYS B 62 16.21 1.07 -3.19
C LYS B 62 16.24 0.32 -1.89
N VAL B 63 15.19 -0.46 -1.69
CA VAL B 63 15.03 -1.28 -0.50
C VAL B 63 16.09 -2.37 -0.48
N ALA B 64 16.15 -3.10 -1.59
CA ALA B 64 17.06 -4.22 -1.79
C ALA B 64 18.51 -3.92 -1.60
N THR B 65 18.92 -2.79 -2.14
CA THR B 65 20.31 -2.45 -2.11
C THR B 65 20.81 -1.50 -1.04
N GLU B 66 19.94 -0.63 -0.56
CA GLU B 66 20.34 0.39 0.38
C GLU B 66 20.13 0.06 1.83
N PHE B 67 19.22 -0.86 2.11
CA PHE B 67 18.91 -1.21 3.50
C PHE B 67 19.36 -2.61 3.89
N GLU B 68 19.73 -2.77 5.14
CA GLU B 68 20.16 -4.05 5.68
C GLU B 68 20.11 -3.89 7.19
N SER B 69 19.29 -4.71 7.85
CA SER B 69 19.05 -4.68 9.30
C SER B 69 20.23 -4.81 10.27
N PHE B 70 20.21 -4.00 11.32
CA PHE B 70 21.24 -4.06 12.35
C PHE B 70 20.52 -4.56 13.59
N SER B 71 21.14 -5.49 14.31
CA SER B 71 20.48 -6.01 15.50
C SER B 71 21.36 -6.76 16.48
N PHE B 72 21.16 -6.48 17.75
CA PHE B 72 21.96 -7.15 18.75
C PHE B 72 21.71 -8.66 18.70
N ASP B 73 20.57 -9.04 18.15
CA ASP B 73 20.14 -10.44 18.04
C ASP B 73 20.56 -11.05 16.70
N ALA B 74 21.54 -11.96 16.73
CA ALA B 74 22.05 -12.59 15.51
C ALA B 74 20.88 -12.92 14.60
N THR B 75 19.93 -13.65 15.14
CA THR B 75 18.79 -14.02 14.34
C THR B 75 18.29 -12.91 13.41
N PHE B 76 18.05 -11.72 13.93
CA PHE B 76 17.54 -10.64 13.09
C PHE B 76 18.61 -9.67 12.60
N HIS B 77 19.88 -10.01 12.79
CA HIS B 77 20.94 -9.11 12.33
C HIS B 77 21.36 -9.34 10.87
N ALA B 78 21.60 -8.26 10.16
CA ALA B 78 22.06 -8.31 8.78
C ALA B 78 21.09 -8.96 7.76
N LYS B 79 19.83 -8.56 7.80
CA LYS B 79 18.84 -9.10 6.88
C LYS B 79 18.50 -8.12 5.77
N LYS B 80 18.14 -8.66 4.62
CA LYS B 80 17.76 -7.83 3.51
C LYS B 80 16.24 -7.95 3.36
N GLN B 81 15.69 -7.26 2.37
CA GLN B 81 14.26 -7.29 2.11
C GLN B 81 14.00 -6.80 0.67
N ILE B 82 13.02 -7.41 0.01
CA ILE B 82 12.65 -7.08 -1.36
C ILE B 82 11.15 -6.91 -1.40
N PRO B 83 10.67 -5.71 -1.75
CA PRO B 83 9.23 -5.50 -1.81
C PRO B 83 8.67 -6.35 -2.95
N CYS B 84 7.36 -6.55 -2.98
CA CYS B 84 6.72 -7.38 -3.99
C CYS B 84 5.62 -6.64 -4.78
N ILE B 85 5.86 -6.37 -6.06
CA ILE B 85 4.82 -5.74 -6.83
C ILE B 85 3.88 -6.76 -7.40
N VAL B 86 2.62 -6.70 -6.95
CA VAL B 86 1.55 -7.59 -7.40
C VAL B 86 0.48 -6.77 -8.17
N SER B 87 0.51 -6.85 -9.49
CA SER B 87 -0.40 -6.09 -10.35
C SER B 87 -1.45 -6.82 -11.20
N MET B 88 -2.70 -6.46 -11.02
CA MET B 88 -3.77 -7.03 -11.82
C MET B 88 -4.38 -5.83 -12.57
N LEU B 89 -3.56 -4.85 -12.90
CA LEU B 89 -4.01 -3.68 -13.65
C LEU B 89 -4.00 -4.01 -15.15
N THR B 90 -4.91 -3.39 -15.88
CA THR B 90 -5.04 -3.64 -17.31
C THR B 90 -4.53 -2.48 -18.22
N LYS B 91 -4.00 -1.43 -17.61
CA LYS B 91 -3.47 -0.27 -18.34
C LYS B 91 -2.35 0.37 -17.53
N GLU B 92 -1.50 1.15 -18.19
CA GLU B 92 -0.41 1.84 -17.55
C GLU B 92 -0.91 2.93 -16.66
N LEU B 93 -0.10 3.30 -15.68
CA LEU B 93 -0.52 4.28 -14.71
C LEU B 93 0.45 5.40 -14.48
N TYR B 94 -0.01 6.60 -14.83
CA TYR B 94 0.73 7.84 -14.68
C TYR B 94 -0.15 8.76 -13.86
N PHE B 95 0.40 9.22 -12.74
CA PHE B 95 -0.29 10.10 -11.83
C PHE B 95 -0.47 11.49 -12.46
N TYR B 96 0.35 11.82 -13.45
CA TYR B 96 0.22 13.11 -14.14
C TYR B 96 -0.61 12.94 -15.40
N HIS B 97 -0.83 14.03 -16.13
CA HIS B 97 -1.60 13.97 -17.38
C HIS B 97 -1.35 15.21 -18.23
#